data_1LLN
#
_entry.id   1LLN
#
_cell.length_a   80.47
_cell.length_b   80.47
_cell.length_c   76.21
_cell.angle_alpha   90.00
_cell.angle_beta   90.00
_cell.angle_gamma   120.00
#
_symmetry.space_group_name_H-M   'P 31 2 1'
#
loop_
_entity.id
_entity.type
_entity.pdbx_description
1 polymer 'Antiviral Protein 3'
2 water water
#
_entity_poly.entity_id   1
_entity_poly.type   'polypeptide(L)'
_entity_poly.pdbx_seq_one_letter_code
;NIVFDVENATPETYSNFLTSLREAV(MLY)D(MLY)KLTCHGMIMATTLTEQP(MLY)YVLVDL(MLY)FGSGTFTLAIR
RGNLYLEGYSDIYNGKCRYRIF(MLY)DSESDAQETVCPGDKSKPGTQNNIPYE(MLY)SYKGMESKGGARTKLGLG
(MLY)ITLKSRMG(MLY)IYGKDATDQKQYQKNEAEFLLIAVQMVTEASRF(MLY)YIEN(MLY)V(MLY)AKFDDANGY
QPDP(MLY)AISLEKNWDSVS(MLY)VIAKVGTSGDSTVTLPGDL(MLY)DENNKPWTTATMNDLKNDIMALLTHVTCKV
K
;
_entity_poly.pdbx_strand_id   A
#
# COMPACT_ATOMS: atom_id res chain seq x y z
N ASN A 1 14.61 6.98 2.61
CA ASN A 1 13.77 6.48 1.53
C ASN A 1 14.17 5.05 1.17
N ILE A 2 13.20 4.25 0.76
CA ILE A 2 13.46 2.83 0.50
C ILE A 2 13.28 2.34 -0.94
N VAL A 3 14.03 1.29 -1.27
CA VAL A 3 13.97 0.71 -2.61
C VAL A 3 13.67 -0.78 -2.60
N PHE A 4 12.83 -1.20 -3.55
CA PHE A 4 12.46 -2.60 -3.69
C PHE A 4 12.69 -3.00 -5.15
N ASP A 5 13.63 -3.93 -5.35
CA ASP A 5 13.93 -4.44 -6.68
C ASP A 5 12.87 -5.52 -6.95
N VAL A 6 11.87 -5.16 -7.73
CA VAL A 6 10.78 -6.06 -8.06
C VAL A 6 11.20 -7.20 -8.97
N GLU A 7 11.90 -6.88 -10.05
CA GLU A 7 12.35 -7.86 -11.00
C GLU A 7 13.12 -9.03 -10.37
N ASN A 8 14.06 -8.72 -9.49
CA ASN A 8 14.88 -9.75 -8.83
C ASN A 8 14.39 -10.18 -7.45
N ALA A 9 13.19 -9.76 -7.08
CA ALA A 9 12.65 -10.07 -5.77
C ALA A 9 12.38 -11.53 -5.46
N THR A 10 12.46 -11.84 -4.17
CA THR A 10 12.17 -13.16 -3.63
C THR A 10 11.23 -12.90 -2.45
N PRO A 11 10.58 -13.94 -1.91
CA PRO A 11 9.68 -13.68 -0.78
C PRO A 11 10.47 -13.07 0.40
N GLU A 12 11.73 -13.45 0.51
CA GLU A 12 12.60 -12.94 1.56
C GLU A 12 12.89 -11.46 1.38
N THR A 13 13.27 -11.04 0.17
CA THR A 13 13.58 -9.63 -0.06
C THR A 13 12.31 -8.76 0.06
N TYR A 14 11.17 -9.35 -0.27
CA TYR A 14 9.89 -8.65 -0.15
C TYR A 14 9.59 -8.39 1.33
N SER A 15 9.75 -9.41 2.16
CA SER A 15 9.52 -9.24 3.60
C SER A 15 10.50 -8.24 4.19
N ASN A 16 11.74 -8.27 3.72
CA ASN A 16 12.77 -7.36 4.20
C ASN A 16 12.37 -5.92 3.81
N PHE A 17 11.84 -5.77 2.60
CA PHE A 17 11.38 -4.46 2.11
C PHE A 17 10.25 -3.92 2.99
N LEU A 18 9.28 -4.76 3.31
CA LEU A 18 8.17 -4.34 4.15
C LEU A 18 8.63 -3.93 5.54
N THR A 19 9.58 -4.67 6.11
CA THR A 19 10.10 -4.35 7.44
C THR A 19 10.74 -2.97 7.42
N SER A 20 11.51 -2.69 6.37
CA SER A 20 12.19 -1.42 6.20
C SER A 20 11.19 -0.27 6.04
N LEU A 21 10.13 -0.49 5.27
CA LEU A 21 9.10 0.54 5.06
C LEU A 21 8.38 0.83 6.37
N ARG A 22 8.03 -0.22 7.10
CA ARG A 22 7.35 -0.06 8.38
C ARG A 22 8.25 0.77 9.34
N GLU A 23 9.54 0.48 9.35
CA GLU A 23 10.49 1.21 10.20
C GLU A 23 10.59 2.70 9.81
N ALA A 24 10.40 2.98 8.53
CA ALA A 24 10.47 4.35 8.04
C ALA A 24 9.23 5.17 8.37
N VAL A 25 8.10 4.48 8.57
CA VAL A 25 6.85 5.19 8.86
C VAL A 25 6.31 5.03 10.28
N MLY A 26 6.91 4.14 11.06
CA MLY A 26 6.40 3.91 12.42
CB MLY A 26 6.88 2.55 12.95
CG MLY A 26 8.29 2.56 13.54
CD MLY A 26 8.56 1.22 14.19
CE MLY A 26 9.87 1.20 14.97
NZ MLY A 26 9.86 2.03 16.20
CH1 MLY A 26 8.86 1.81 17.31
CH2 MLY A 26 10.90 3.10 16.34
C MLY A 26 6.73 5.00 13.42
O MLY A 26 7.67 5.78 13.24
N ASP A 27 5.90 5.07 14.47
CA ASP A 27 6.12 6.02 15.53
C ASP A 27 7.36 5.52 16.25
N MLY A 28 8.27 6.42 16.58
CA MLY A 28 9.50 6.02 17.26
CB MLY A 28 10.55 7.13 17.16
CG MLY A 28 11.33 7.17 15.84
CD MLY A 28 10.62 7.99 14.79
CE MLY A 28 11.48 8.17 13.53
NZ MLY A 28 11.76 6.88 12.81
CH1 MLY A 28 13.18 6.57 12.42
CH2 MLY A 28 10.67 5.89 12.49
C MLY A 28 9.35 5.59 18.72
O MLY A 28 10.21 4.86 19.23
N LYS A 29 8.28 6.01 19.38
CA LYS A 29 8.07 5.69 20.79
C LYS A 29 6.86 4.83 21.10
N LEU A 30 5.71 5.22 20.55
CA LEU A 30 4.44 4.56 20.80
C LEU A 30 4.26 3.15 20.25
N THR A 31 3.75 2.26 21.11
CA THR A 31 3.46 0.88 20.74
C THR A 31 2.12 0.54 21.37
N CYS A 32 1.52 -0.56 20.91
CA CYS A 32 0.20 -0.97 21.41
C CYS A 32 0.13 -2.49 21.41
N HIS A 33 0.01 -3.07 22.60
CA HIS A 33 -0.04 -4.51 22.76
C HIS A 33 1.11 -5.19 22.02
N GLY A 34 2.29 -4.57 22.10
CA GLY A 34 3.47 -5.11 21.45
C GLY A 34 3.57 -4.87 19.95
N MET A 35 2.58 -4.17 19.38
CA MET A 35 2.58 -3.89 17.95
C MET A 35 3.01 -2.46 17.66
N ILE A 36 3.65 -2.24 16.52
CA ILE A 36 4.07 -0.90 16.14
C ILE A 36 2.92 -0.19 15.44
N MET A 37 2.98 1.14 15.40
CA MET A 37 1.93 1.94 14.79
C MET A 37 2.53 3.03 13.92
N ALA A 38 1.71 3.60 13.04
CA ALA A 38 2.15 4.68 12.17
C ALA A 38 2.39 5.93 12.99
N THR A 39 3.24 6.81 12.48
CA THR A 39 3.55 8.06 13.16
C THR A 39 2.41 9.04 12.88
N THR A 40 2.60 10.30 13.26
CA THR A 40 1.59 11.34 13.05
C THR A 40 1.67 11.92 11.63
N LEU A 41 0.72 12.77 11.29
CA LEU A 41 0.72 13.42 9.99
C LEU A 41 1.52 14.73 10.09
N THR A 42 1.88 15.10 11.31
CA THR A 42 2.63 16.34 11.56
C THR A 42 4.16 16.19 11.71
N GLU A 43 4.62 14.97 11.90
CA GLU A 43 6.05 14.71 12.06
C GLU A 43 6.81 14.62 10.74
N GLN A 44 7.88 15.40 10.63
CA GLN A 44 8.71 15.41 9.44
C GLN A 44 9.56 14.13 9.40
N PRO A 45 9.81 13.58 8.21
CA PRO A 45 9.34 14.05 6.89
C PRO A 45 7.91 13.65 6.57
N MLY A 46 7.22 14.47 5.77
CA MLY A 46 5.85 14.19 5.39
CB MLY A 46 5.31 15.35 4.55
CG MLY A 46 3.90 15.11 4.02
CD MLY A 46 3.28 16.39 3.51
CE MLY A 46 1.88 16.16 2.95
NZ MLY A 46 1.14 17.45 3.03
CH1 MLY A 46 0.93 18.30 1.85
CH2 MLY A 46 0.60 17.92 4.36
C MLY A 46 5.71 12.90 4.61
O MLY A 46 4.77 12.12 4.82
N TYR A 47 6.64 12.66 3.69
CA TYR A 47 6.61 11.48 2.85
C TYR A 47 7.82 10.57 2.99
N VAL A 48 7.64 9.34 2.52
CA VAL A 48 8.71 8.37 2.46
C VAL A 48 8.62 7.94 1.00
N LEU A 49 9.75 7.98 0.29
CA LEU A 49 9.74 7.59 -1.11
C LEU A 49 10.04 6.10 -1.24
N VAL A 50 9.31 5.43 -2.13
CA VAL A 50 9.51 4.02 -2.38
C VAL A 50 9.84 3.84 -3.86
N ASP A 51 11.09 3.45 -4.13
CA ASP A 51 11.54 3.21 -5.50
C ASP A 51 11.28 1.75 -5.86
N LEU A 52 10.40 1.53 -6.82
CA LEU A 52 10.11 0.18 -7.30
C LEU A 52 10.94 0.02 -8.57
N MLY A 53 11.91 -0.88 -8.54
CA MLY A 53 12.78 -1.07 -9.68
CB MLY A 53 14.24 -1.00 -9.25
CG MLY A 53 14.63 0.28 -8.50
CD MLY A 53 16.14 0.38 -8.36
CE MLY A 53 16.72 -0.84 -7.65
NZ MLY A 53 18.22 -0.84 -7.55
CH1 MLY A 53 18.86 -1.59 -6.45
CH2 MLY A 53 19.05 -0.14 -8.58
C MLY A 53 12.59 -2.37 -10.47
O MLY A 53 12.18 -3.39 -9.91
N PHE A 54 12.85 -2.27 -11.77
CA PHE A 54 12.79 -3.43 -12.67
C PHE A 54 13.86 -3.19 -13.72
N GLY A 55 14.01 -4.11 -14.66
CA GLY A 55 15.03 -3.98 -15.69
C GLY A 55 15.12 -2.68 -16.48
N SER A 56 13.96 -2.13 -16.86
CA SER A 56 13.91 -0.92 -17.67
C SER A 56 13.92 0.44 -16.95
N GLY A 57 13.69 0.45 -15.64
CA GLY A 57 13.68 1.70 -14.93
C GLY A 57 13.16 1.62 -13.52
N THR A 58 12.92 2.80 -12.94
CA THR A 58 12.44 2.92 -11.58
C THR A 58 11.20 3.79 -11.48
N PHE A 59 10.26 3.35 -10.64
CA PHE A 59 9.04 4.10 -10.34
C PHE A 59 9.25 4.63 -8.92
N THR A 60 9.06 5.93 -8.73
CA THR A 60 9.23 6.52 -7.41
C THR A 60 7.85 6.85 -6.83
N LEU A 61 7.46 6.14 -5.77
CA LEU A 61 6.16 6.37 -5.14
C LEU A 61 6.25 7.30 -3.94
N ALA A 62 5.31 8.23 -3.84
CA ALA A 62 5.27 9.16 -2.70
C ALA A 62 4.24 8.61 -1.72
N ILE A 63 4.73 8.08 -0.60
CA ILE A 63 3.84 7.53 0.42
C ILE A 63 3.84 8.44 1.65
N ARG A 64 2.66 8.95 1.99
CA ARG A 64 2.53 9.80 3.14
C ARG A 64 2.71 8.93 4.39
N ARG A 65 3.72 9.26 5.20
CA ARG A 65 4.06 8.47 6.38
C ARG A 65 2.97 8.23 7.43
N GLY A 66 2.23 9.27 7.78
CA GLY A 66 1.20 9.14 8.79
C GLY A 66 0.01 8.24 8.47
N ASN A 67 -0.42 8.20 7.21
CA ASN A 67 -1.56 7.37 6.83
C ASN A 67 -1.25 6.33 5.73
N LEU A 68 0.01 6.31 5.29
CA LEU A 68 0.48 5.41 4.24
C LEU A 68 -0.26 5.55 2.91
N TYR A 69 -0.79 6.74 2.66
CA TYR A 69 -1.51 7.02 1.42
C TYR A 69 -0.52 7.21 0.26
N LEU A 70 -0.89 6.69 -0.90
CA LEU A 70 -0.06 6.87 -2.09
C LEU A 70 -0.57 8.16 -2.73
N GLU A 71 0.25 9.20 -2.69
CA GLU A 71 -0.13 10.49 -3.25
C GLU A 71 0.29 10.69 -4.69
N GLY A 72 1.04 9.73 -5.22
CA GLY A 72 1.46 9.84 -6.61
C GLY A 72 2.78 9.13 -6.82
N TYR A 73 3.24 9.15 -8.07
CA TYR A 73 4.51 8.50 -8.41
C TYR A 73 5.09 9.15 -9.65
N SER A 74 6.34 8.80 -9.95
CA SER A 74 6.98 9.31 -11.14
C SER A 74 7.83 8.24 -11.82
N ASP A 75 7.97 8.38 -13.14
CA ASP A 75 8.81 7.48 -13.92
C ASP A 75 9.62 8.41 -14.82
N ILE A 76 10.15 7.88 -15.92
CA ILE A 76 10.90 8.71 -16.85
C ILE A 76 10.16 8.69 -18.18
N TYR A 77 9.86 9.89 -18.69
CA TYR A 77 9.16 10.04 -19.97
C TYR A 77 9.91 11.08 -20.80
N ASN A 78 10.31 10.68 -22.00
CA ASN A 78 11.07 11.55 -22.91
C ASN A 78 12.33 12.12 -22.25
N GLY A 79 13.00 11.25 -21.48
CA GLY A 79 14.22 11.63 -20.80
C GLY A 79 14.10 12.52 -19.58
N LYS A 80 12.88 12.72 -19.09
CA LYS A 80 12.66 13.58 -17.94
C LYS A 80 11.73 12.95 -16.91
N CYS A 81 11.86 13.40 -15.65
CA CYS A 81 11.02 12.91 -14.57
C CYS A 81 9.58 13.29 -14.89
N ARG A 82 8.70 12.29 -14.91
CA ARG A 82 7.30 12.53 -15.18
C ARG A 82 6.45 12.14 -13.97
N TYR A 83 5.79 13.13 -13.39
CA TYR A 83 4.95 12.87 -12.23
C TYR A 83 3.52 12.50 -12.63
N ARG A 84 2.96 11.55 -11.90
CA ARG A 84 1.60 11.07 -12.14
C ARG A 84 0.87 11.30 -10.83
N ILE A 85 -0.11 12.20 -10.86
CA ILE A 85 -0.87 12.56 -9.67
C ILE A 85 -2.38 12.40 -9.86
N PHE A 86 -3.05 12.02 -8.77
CA PHE A 86 -4.50 11.81 -8.79
C PHE A 86 -5.24 13.13 -8.75
N MLY A 87 -6.51 13.13 -9.14
CA MLY A 87 -7.25 14.37 -9.14
CB MLY A 87 -8.58 14.23 -9.88
CG MLY A 87 -9.63 13.42 -9.20
CD MLY A 87 -10.80 13.18 -10.15
CE MLY A 87 -11.99 12.67 -9.36
NZ MLY A 87 -13.07 12.04 -10.15
CH1 MLY A 87 -12.80 11.42 -11.48
CH2 MLY A 87 -14.43 11.97 -9.56
C MLY A 87 -7.42 14.97 -7.74
O MLY A 87 -7.70 16.15 -7.61
N ASP A 88 -7.19 14.17 -6.71
CA ASP A 88 -7.28 14.66 -5.33
C ASP A 88 -5.97 14.49 -4.56
N SER A 89 -4.86 14.38 -5.28
CA SER A 89 -3.56 14.24 -4.63
C SER A 89 -3.16 15.53 -3.91
N GLU A 90 -2.36 15.38 -2.86
CA GLU A 90 -1.82 16.50 -2.10
C GLU A 90 -1.09 17.38 -3.13
N SER A 91 -1.18 18.70 -2.98
CA SER A 91 -0.54 19.60 -3.94
C SER A 91 0.98 19.50 -4.02
N ASP A 92 1.60 18.92 -3.00
CA ASP A 92 3.05 18.79 -2.99
C ASP A 92 3.55 17.42 -3.48
N ALA A 93 2.63 16.57 -3.93
CA ALA A 93 3.02 15.25 -4.44
C ALA A 93 3.93 15.39 -5.65
N GLN A 94 3.59 16.32 -6.54
CA GLN A 94 4.35 16.59 -7.75
C GLN A 94 5.83 16.85 -7.49
N GLU A 95 6.13 17.80 -6.61
CA GLU A 95 7.52 18.16 -6.29
C GLU A 95 8.20 17.12 -5.41
N THR A 96 7.42 16.19 -4.86
CA THR A 96 8.00 15.14 -4.03
C THR A 96 8.54 14.02 -4.91
N VAL A 97 7.79 13.64 -5.94
CA VAL A 97 8.24 12.58 -6.85
C VAL A 97 9.20 13.07 -7.93
N CYS A 98 9.14 14.37 -8.22
CA CYS A 98 10.04 15.01 -9.19
C CYS A 98 10.55 16.25 -8.49
N PRO A 99 11.60 16.07 -7.66
CA PRO A 99 12.19 17.17 -6.90
C PRO A 99 12.41 18.46 -7.69
N GLY A 100 11.89 19.56 -7.15
CA GLY A 100 12.03 20.87 -7.77
C GLY A 100 11.15 21.15 -8.96
N ASP A 101 10.26 20.23 -9.30
CA ASP A 101 9.38 20.42 -10.44
C ASP A 101 8.26 21.41 -10.14
N LYS A 102 8.26 22.51 -10.87
CA LYS A 102 7.26 23.58 -10.72
C LYS A 102 6.45 23.76 -12.01
N SER A 103 6.47 22.75 -12.87
CA SER A 103 5.72 22.80 -14.11
C SER A 103 4.23 22.74 -13.81
N LYS A 104 3.42 23.12 -14.78
CA LYS A 104 1.98 23.01 -14.60
C LYS A 104 1.61 21.64 -15.16
N PRO A 105 0.86 20.85 -14.37
CA PRO A 105 0.44 19.51 -14.79
C PRO A 105 -0.30 19.50 -16.11
N GLY A 106 -0.04 18.47 -16.91
CA GLY A 106 -0.69 18.33 -18.20
C GLY A 106 -1.27 16.93 -18.32
N THR A 107 -1.65 16.56 -19.54
CA THR A 107 -2.24 15.24 -19.81
C THR A 107 -1.28 14.09 -19.53
N GLN A 108 0.02 14.37 -19.54
CA GLN A 108 1.00 13.32 -19.24
C GLN A 108 1.15 13.12 -17.73
N ASN A 109 0.55 14.01 -16.95
CA ASN A 109 0.66 13.94 -15.49
C ASN A 109 -0.61 13.59 -14.73
N ASN A 110 -1.75 14.03 -15.25
CA ASN A 110 -3.01 13.82 -14.55
C ASN A 110 -3.69 12.47 -14.65
N ILE A 111 -3.62 11.71 -13.56
CA ILE A 111 -4.29 10.41 -13.49
C ILE A 111 -5.77 10.83 -13.43
N PRO A 112 -6.61 10.27 -14.32
CA PRO A 112 -8.04 10.59 -14.39
C PRO A 112 -8.99 10.02 -13.35
N TYR A 113 -8.55 9.97 -12.09
CA TYR A 113 -9.39 9.49 -11.00
C TYR A 113 -8.79 9.80 -9.64
N GLU A 114 -9.60 9.60 -8.60
CA GLU A 114 -9.22 9.85 -7.20
C GLU A 114 -8.27 8.75 -6.75
N MLY A 115 -7.51 9.03 -5.69
CA MLY A 115 -6.53 8.09 -5.17
CB MLY A 115 -5.50 8.81 -4.30
CG MLY A 115 -6.08 9.50 -3.09
CD MLY A 115 -5.07 10.48 -2.52
CE MLY A 115 -5.47 10.92 -1.14
NZ MLY A 115 -5.82 12.36 -1.09
CH1 MLY A 115 -4.77 13.39 -1.11
CH2 MLY A 115 -7.24 12.77 -0.97
C MLY A 115 -7.10 6.87 -4.41
O MLY A 115 -6.35 6.01 -3.97
N SER A 116 -8.42 6.79 -4.32
CA SER A 116 -9.08 5.69 -3.62
C SER A 116 -9.16 4.43 -4.47
N TYR A 117 -9.59 3.34 -3.85
CA TYR A 117 -9.76 2.08 -4.57
C TYR A 117 -10.88 2.22 -5.60
N LYS A 118 -11.93 2.95 -5.24
CA LYS A 118 -13.04 3.17 -6.19
C LYS A 118 -12.52 3.92 -7.42
N GLY A 119 -11.63 4.88 -7.18
CA GLY A 119 -11.06 5.64 -8.28
C GLY A 119 -10.24 4.74 -9.17
N MET A 120 -9.29 4.01 -8.59
CA MET A 120 -8.44 3.11 -9.36
C MET A 120 -9.22 2.01 -10.08
N GLU A 121 -10.23 1.45 -9.41
CA GLU A 121 -11.04 0.39 -10.01
C GLU A 121 -11.90 0.88 -11.15
N SER A 122 -12.13 2.19 -11.23
CA SER A 122 -12.95 2.74 -12.30
C SER A 122 -12.26 2.48 -13.64
N LYS A 123 -10.92 2.40 -13.61
CA LYS A 123 -10.16 2.13 -14.82
C LYS A 123 -9.48 0.76 -14.80
N GLY A 124 -9.20 0.22 -13.62
CA GLY A 124 -8.54 -1.06 -13.53
C GLY A 124 -9.43 -2.25 -13.29
N GLY A 125 -10.70 -2.00 -12.98
CA GLY A 125 -11.64 -3.07 -12.68
C GLY A 125 -11.54 -3.47 -11.21
N ALA A 126 -12.48 -4.30 -10.75
CA ALA A 126 -12.50 -4.78 -9.37
C ALA A 126 -11.15 -5.39 -9.02
N ARG A 127 -10.55 -4.96 -7.91
CA ARG A 127 -9.25 -5.48 -7.52
C ARG A 127 -9.28 -6.93 -7.08
N THR A 128 -10.46 -7.44 -6.77
CA THR A 128 -10.60 -8.84 -6.38
C THR A 128 -10.25 -9.76 -7.55
N LYS A 129 -10.24 -9.18 -8.76
CA LYS A 129 -9.92 -9.92 -9.98
C LYS A 129 -8.47 -9.76 -10.41
N LEU A 130 -7.70 -8.96 -9.66
CA LEU A 130 -6.30 -8.72 -9.97
C LEU A 130 -5.39 -9.41 -8.96
N GLY A 131 -4.43 -10.18 -9.46
CA GLY A 131 -3.51 -10.90 -8.58
C GLY A 131 -2.34 -10.07 -8.12
N LEU A 132 -1.95 -10.27 -6.86
CA LEU A 132 -0.82 -9.57 -6.26
C LEU A 132 0.38 -10.52 -6.23
N GLY A 133 1.51 -10.05 -6.73
CA GLY A 133 2.70 -10.88 -6.74
C GLY A 133 3.80 -10.25 -7.58
N MLY A 134 4.96 -10.87 -7.59
CA MLY A 134 6.08 -10.35 -8.37
CB MLY A 134 7.33 -11.20 -8.12
CG MLY A 134 8.61 -10.53 -8.60
CD MLY A 134 9.76 -11.52 -8.67
CE MLY A 134 9.64 -12.35 -9.93
NZ MLY A 134 10.73 -13.36 -10.10
CH1 MLY A 134 10.50 -14.54 -10.99
CH2 MLY A 134 12.05 -13.19 -9.40
C MLY A 134 5.77 -10.30 -9.86
O MLY A 134 6.05 -9.32 -10.53
N ILE A 135 5.17 -11.38 -10.38
CA ILE A 135 4.85 -11.47 -11.81
C ILE A 135 3.89 -10.41 -12.30
N THR A 136 2.76 -10.24 -11.60
CA THR A 136 1.76 -9.26 -11.99
C THR A 136 2.26 -7.83 -11.87
N LEU A 137 2.99 -7.54 -10.80
CA LEU A 137 3.54 -6.20 -10.58
C LEU A 137 4.54 -5.84 -11.66
N LYS A 138 5.48 -6.75 -11.91
CA LYS A 138 6.53 -6.52 -12.92
C LYS A 138 5.91 -6.34 -14.30
N SER A 139 4.87 -7.14 -14.59
CA SER A 139 4.18 -7.05 -15.87
C SER A 139 3.57 -5.66 -16.10
N ARG A 140 2.84 -5.15 -15.12
CA ARG A 140 2.22 -3.84 -15.24
C ARG A 140 3.25 -2.72 -15.33
N MET A 141 4.36 -2.87 -14.61
CA MET A 141 5.44 -1.90 -14.64
C MET A 141 6.02 -1.75 -16.06
N GLY A 142 6.26 -2.88 -16.71
CA GLY A 142 6.80 -2.85 -18.06
C GLY A 142 5.81 -2.29 -19.08
N MLY A 143 4.53 -2.50 -18.84
CA MLY A 143 3.48 -2.04 -19.74
CB MLY A 143 2.15 -2.70 -19.40
CG MLY A 143 2.06 -4.16 -19.79
CD MLY A 143 0.69 -4.70 -19.43
CE MLY A 143 0.49 -6.12 -19.94
NZ MLY A 143 -0.87 -6.59 -19.53
CH1 MLY A 143 -1.05 -7.11 -18.15
CH2 MLY A 143 -2.03 -6.53 -20.48
C MLY A 143 3.28 -0.53 -19.75
O MLY A 143 2.77 0.01 -20.73
N ILE A 144 3.65 0.15 -18.67
CA ILE A 144 3.45 1.60 -18.61
C ILE A 144 4.70 2.47 -18.53
N TYR A 145 5.80 1.91 -18.01
CA TYR A 145 7.01 2.71 -17.85
C TYR A 145 7.42 3.52 -19.08
N GLY A 146 7.51 4.84 -18.91
CA GLY A 146 7.90 5.73 -19.99
C GLY A 146 6.99 5.80 -21.19
N LYS A 147 5.79 5.25 -21.05
CA LYS A 147 4.80 5.24 -22.14
C LYS A 147 3.90 6.48 -22.14
N ASP A 148 3.40 6.82 -23.32
CA ASP A 148 2.48 7.95 -23.53
C ASP A 148 1.24 7.73 -22.68
N ALA A 149 1.07 8.58 -21.66
CA ALA A 149 -0.05 8.49 -20.74
C ALA A 149 -1.42 8.86 -21.33
N THR A 150 -1.42 9.49 -22.50
CA THR A 150 -2.67 9.91 -23.13
C THR A 150 -3.47 8.76 -23.75
N ASP A 151 -2.91 7.55 -23.73
CA ASP A 151 -3.59 6.38 -24.27
C ASP A 151 -4.50 5.78 -23.18
N GLN A 152 -5.79 6.06 -23.28
CA GLN A 152 -6.80 5.59 -22.33
C GLN A 152 -7.04 4.10 -22.44
N LYS A 153 -7.11 3.64 -23.69
CA LYS A 153 -7.37 2.26 -24.05
C LYS A 153 -6.46 1.24 -23.35
N GLN A 154 -5.16 1.41 -23.51
CA GLN A 154 -4.21 0.49 -22.90
C GLN A 154 -3.54 1.06 -21.65
N TYR A 155 -2.84 2.18 -21.81
CA TYR A 155 -2.12 2.80 -20.70
C TYR A 155 -2.89 3.01 -19.40
N GLN A 156 -3.95 3.80 -19.46
CA GLN A 156 -4.75 4.10 -18.27
C GLN A 156 -5.28 2.87 -17.54
N LYS A 157 -5.63 1.85 -18.32
CA LYS A 157 -6.12 0.58 -17.80
C LYS A 157 -4.93 -0.10 -17.09
N ASN A 158 -3.82 -0.23 -17.80
CA ASN A 158 -2.61 -0.85 -17.27
C ASN A 158 -2.08 -0.11 -16.04
N GLU A 159 -2.14 1.22 -16.06
CA GLU A 159 -1.66 2.03 -14.93
C GLU A 159 -2.52 1.81 -13.70
N ALA A 160 -3.84 1.75 -13.89
CA ALA A 160 -4.76 1.53 -12.78
C ALA A 160 -4.46 0.17 -12.17
N GLU A 161 -4.15 -0.81 -13.02
CA GLU A 161 -3.82 -2.15 -12.55
C GLU A 161 -2.50 -2.09 -11.79
N PHE A 162 -1.53 -1.36 -12.32
CA PHE A 162 -0.24 -1.17 -11.66
C PHE A 162 -0.45 -0.57 -10.27
N LEU A 163 -1.25 0.49 -10.20
CA LEU A 163 -1.52 1.15 -8.94
C LEU A 163 -2.24 0.25 -7.94
N LEU A 164 -3.24 -0.49 -8.41
CA LEU A 164 -3.99 -1.40 -7.55
C LEU A 164 -3.07 -2.46 -6.93
N ILE A 165 -2.19 -3.04 -7.75
CA ILE A 165 -1.26 -4.05 -7.29
C ILE A 165 -0.19 -3.45 -6.39
N ALA A 166 0.39 -2.33 -6.80
CA ALA A 166 1.43 -1.68 -6.02
C ALA A 166 0.96 -1.19 -4.66
N VAL A 167 -0.18 -0.52 -4.61
CA VAL A 167 -0.66 -0.01 -3.34
C VAL A 167 -0.94 -1.14 -2.34
N GLN A 168 -1.45 -2.27 -2.83
CA GLN A 168 -1.74 -3.38 -1.95
C GLN A 168 -0.46 -4.13 -1.53
N MET A 169 0.48 -4.26 -2.46
CA MET A 169 1.74 -4.93 -2.15
C MET A 169 2.66 -4.08 -1.30
N VAL A 170 2.50 -2.77 -1.38
CA VAL A 170 3.35 -1.85 -0.63
C VAL A 170 2.71 -1.37 0.68
N THR A 171 1.64 -0.58 0.56
CA THR A 171 0.96 -0.05 1.74
C THR A 171 0.14 -1.09 2.52
N GLU A 172 -0.71 -1.84 1.83
CA GLU A 172 -1.55 -2.80 2.53
C GLU A 172 -0.76 -3.93 3.19
N ALA A 173 0.27 -4.40 2.49
CA ALA A 173 1.11 -5.47 3.03
C ALA A 173 1.93 -4.98 4.22
N SER A 174 2.25 -3.68 4.25
CA SER A 174 3.01 -3.11 5.37
C SER A 174 2.08 -3.04 6.58
N ARG A 175 0.82 -2.71 6.34
CA ARG A 175 -0.17 -2.62 7.41
C ARG A 175 -0.58 -3.98 7.93
N PHE A 176 -0.80 -4.91 7.02
CA PHE A 176 -1.29 -6.24 7.36
C PHE A 176 -0.39 -7.41 7.03
N MLY A 177 0.05 -8.11 8.08
CA MLY A 177 0.89 -9.30 7.97
CB MLY A 177 1.17 -9.84 9.39
CG MLY A 177 1.88 -11.19 9.44
CD MLY A 177 3.27 -11.13 8.84
CE MLY A 177 4.16 -10.16 9.62
NZ MLY A 177 5.60 -10.24 9.24
CH1 MLY A 177 6.50 -9.11 9.58
CH2 MLY A 177 6.14 -11.46 8.56
C MLY A 177 0.08 -10.35 7.18
O MLY A 177 0.66 -11.15 6.42
N TYR A 178 -1.24 -10.30 7.31
CA TYR A 178 -2.11 -11.23 6.60
C TYR A 178 -1.90 -11.14 5.11
N ILE A 179 -1.92 -9.92 4.59
CA ILE A 179 -1.74 -9.70 3.15
C ILE A 179 -0.31 -10.01 2.71
N GLU A 180 0.67 -9.62 3.53
CA GLU A 180 2.07 -9.90 3.21
C GLU A 180 2.26 -11.41 2.99
N ASN A 181 1.77 -12.22 3.93
CA ASN A 181 1.91 -13.67 3.83
C ASN A 181 1.16 -14.32 2.67
N MLY A 182 -0.04 -13.83 2.37
CA MLY A 182 -0.80 -14.37 1.24
CB MLY A 182 -2.21 -13.78 1.22
CG MLY A 182 -3.12 -14.32 2.31
CD MLY A 182 -3.31 -15.80 2.16
CE MLY A 182 -4.34 -16.31 3.14
NZ MLY A 182 -4.55 -17.79 3.01
CH1 MLY A 182 -4.86 -18.39 1.68
CH2 MLY A 182 -4.44 -18.64 4.22
C MLY A 182 -0.09 -14.07 -0.08
O MLY A 182 -0.07 -14.89 -1.00
N VAL A 183 0.50 -12.88 -0.17
CA VAL A 183 1.24 -12.50 -1.37
C VAL A 183 2.49 -13.37 -1.51
N MLY A 184 3.19 -13.59 -0.40
CA MLY A 184 4.39 -14.42 -0.40
CB MLY A 184 5.06 -14.43 0.98
CG MLY A 184 5.68 -13.11 1.39
CD MLY A 184 6.33 -13.21 2.76
CE MLY A 184 7.53 -14.14 2.73
NZ MLY A 184 8.23 -14.29 4.05
CH1 MLY A 184 7.43 -14.43 5.30
CH2 MLY A 184 9.72 -14.33 4.11
C MLY A 184 4.07 -15.85 -0.84
O MLY A 184 4.82 -16.46 -1.60
N ALA A 185 2.92 -16.35 -0.40
CA ALA A 185 2.49 -17.71 -0.73
C ALA A 185 2.27 -17.94 -2.23
N LYS A 186 2.05 -16.86 -2.98
CA LYS A 186 1.83 -16.91 -4.42
C LYS A 186 2.79 -15.96 -5.13
N PHE A 187 3.90 -15.66 -4.47
CA PHE A 187 4.88 -14.69 -4.97
C PHE A 187 5.27 -14.75 -6.44
N ASP A 188 5.69 -15.93 -6.90
CA ASP A 188 6.11 -16.08 -8.28
C ASP A 188 5.08 -16.67 -9.24
N ASP A 189 3.88 -16.92 -8.75
CA ASP A 189 2.83 -17.48 -9.61
C ASP A 189 2.25 -16.39 -10.53
N ALA A 190 2.07 -16.73 -11.80
CA ALA A 190 1.55 -15.78 -12.79
C ALA A 190 0.22 -15.18 -12.37
N ASN A 191 -0.58 -15.97 -11.68
CA ASN A 191 -1.89 -15.56 -11.20
C ASN A 191 -1.79 -14.65 -9.98
N GLY A 192 -0.75 -14.87 -9.18
CA GLY A 192 -0.56 -14.08 -7.98
C GLY A 192 -1.66 -14.38 -6.98
N TYR A 193 -1.76 -13.54 -5.96
CA TYR A 193 -2.79 -13.69 -4.93
C TYR A 193 -3.88 -12.66 -5.15
N GLN A 194 -5.09 -13.14 -5.44
CA GLN A 194 -6.22 -12.23 -5.64
C GLN A 194 -6.77 -12.00 -4.23
N PRO A 195 -6.85 -10.74 -3.79
CA PRO A 195 -7.35 -10.45 -2.44
C PRO A 195 -8.70 -11.06 -2.07
N ASP A 196 -8.70 -11.87 -1.01
CA ASP A 196 -9.91 -12.52 -0.54
C ASP A 196 -10.73 -11.55 0.34
N PRO A 197 -11.94 -11.95 0.75
CA PRO A 197 -12.77 -11.07 1.58
C PRO A 197 -12.13 -10.56 2.87
N MLY A 198 -11.23 -11.36 3.45
CA MLY A 198 -10.56 -10.92 4.67
CB MLY A 198 -9.85 -12.10 5.37
CG MLY A 198 -9.08 -11.69 6.62
CD MLY A 198 -8.57 -12.86 7.43
CE MLY A 198 -9.68 -13.44 8.26
NZ MLY A 198 -9.28 -14.51 9.21
CH1 MLY A 198 -7.87 -15.01 9.30
CH2 MLY A 198 -10.32 -15.07 10.09
C MLY A 198 -9.57 -9.80 4.37
O MLY A 198 -9.51 -8.81 5.08
N ALA A 199 -8.79 -9.97 3.29
CA ALA A 199 -7.84 -8.94 2.88
C ALA A 199 -8.60 -7.65 2.56
N ILE A 200 -9.72 -7.78 1.85
CA ILE A 200 -10.54 -6.63 1.48
C ILE A 200 -11.07 -5.95 2.75
N SER A 201 -11.55 -6.77 3.70
CA SER A 201 -12.09 -6.28 4.97
C SER A 201 -11.05 -5.47 5.74
N LEU A 202 -9.84 -5.99 5.81
CA LEU A 202 -8.74 -5.35 6.51
C LEU A 202 -8.42 -4.01 5.85
N GLU A 203 -8.32 -4.01 4.52
CA GLU A 203 -8.04 -2.79 3.77
C GLU A 203 -9.04 -1.69 4.07
N LYS A 204 -10.29 -2.06 4.25
CA LYS A 204 -11.36 -1.09 4.52
C LYS A 204 -11.49 -0.74 6.00
N ASN A 205 -10.74 -1.42 6.85
CA ASN A 205 -10.84 -1.21 8.29
C ASN A 205 -9.55 -1.09 9.05
N TRP A 206 -8.55 -0.45 8.44
CA TRP A 206 -7.26 -0.28 9.09
C TRP A 206 -7.37 0.47 10.41
N ASP A 207 -8.01 1.64 10.39
CA ASP A 207 -8.17 2.44 11.59
C ASP A 207 -9.10 1.82 12.63
N SER A 208 -10.25 1.33 12.18
CA SER A 208 -11.22 0.72 13.10
C SER A 208 -10.67 -0.51 13.83
N VAL A 209 -9.90 -1.36 13.14
CA VAL A 209 -9.32 -2.54 13.78
C VAL A 209 -8.25 -2.08 14.76
N SER A 210 -7.45 -1.09 14.36
CA SER A 210 -6.41 -0.55 15.23
C SER A 210 -7.03 -0.02 16.52
N MLY A 211 -8.17 0.65 16.38
CA MLY A 211 -8.86 1.23 17.52
CB MLY A 211 -9.84 2.31 17.05
CG MLY A 211 -9.07 3.55 16.65
CD MLY A 211 -9.95 4.65 16.16
CE MLY A 211 -9.13 5.92 15.97
NZ MLY A 211 -9.86 6.98 15.26
CH1 MLY A 211 -11.36 6.98 15.21
CH2 MLY A 211 -9.09 8.07 14.61
C MLY A 211 -9.51 0.24 18.48
O MLY A 211 -9.54 0.49 19.69
N VAL A 212 -9.98 -0.91 18.00
CA VAL A 212 -10.55 -1.89 18.92
C VAL A 212 -9.41 -2.52 19.73
N ILE A 213 -8.25 -2.68 19.10
CA ILE A 213 -7.07 -3.23 19.76
C ILE A 213 -6.62 -2.24 20.84
N ALA A 214 -6.56 -0.95 20.48
CA ALA A 214 -6.14 0.11 21.38
C ALA A 214 -7.00 0.21 22.65
N LYS A 215 -8.30 -0.05 22.49
CA LYS A 215 -9.22 0.02 23.61
C LYS A 215 -9.13 -1.14 24.63
N VAL A 216 -8.48 -2.24 24.24
CA VAL A 216 -8.35 -3.39 25.15
C VAL A 216 -7.36 -3.10 26.28
N GLY A 217 -7.86 -3.16 27.52
CA GLY A 217 -7.03 -2.89 28.68
C GLY A 217 -6.33 -4.13 29.22
N THR A 218 -6.77 -5.30 28.78
CA THR A 218 -6.19 -6.57 29.23
C THR A 218 -4.86 -6.84 28.53
N SER A 219 -3.88 -7.26 29.32
CA SER A 219 -2.55 -7.61 28.80
C SER A 219 -2.58 -9.09 28.46
N GLY A 220 -1.63 -9.53 27.63
CA GLY A 220 -1.60 -10.93 27.24
C GLY A 220 -2.65 -11.20 26.19
N ASP A 221 -3.10 -12.44 26.09
CA ASP A 221 -4.10 -12.83 25.10
C ASP A 221 -5.52 -12.63 25.61
N SER A 222 -6.40 -12.24 24.70
CA SER A 222 -7.82 -12.02 25.03
C SER A 222 -8.62 -12.00 23.73
N THR A 223 -9.94 -12.03 23.85
CA THR A 223 -10.82 -11.99 22.69
C THR A 223 -11.15 -10.54 22.38
N VAL A 224 -10.86 -10.13 21.15
CA VAL A 224 -11.13 -8.77 20.72
C VAL A 224 -12.34 -8.76 19.81
N THR A 225 -13.34 -7.94 20.13
CA THR A 225 -14.52 -7.84 19.28
C THR A 225 -14.19 -6.83 18.17
N LEU A 226 -14.23 -7.31 16.94
CA LEU A 226 -13.88 -6.49 15.79
C LEU A 226 -14.97 -5.52 15.34
N PRO A 227 -14.62 -4.57 14.45
CA PRO A 227 -15.62 -3.61 13.96
C PRO A 227 -16.65 -4.42 13.16
N GLY A 228 -17.80 -3.82 12.88
CA GLY A 228 -18.82 -4.54 12.15
C GLY A 228 -18.48 -4.69 10.68
N ASP A 229 -19.12 -5.67 10.06
CA ASP A 229 -18.98 -5.94 8.63
C ASP A 229 -17.67 -6.49 8.06
N LEU A 230 -16.83 -7.09 8.91
CA LEU A 230 -15.61 -7.71 8.40
C LEU A 230 -15.97 -9.15 8.00
N MLY A 231 -15.26 -9.69 7.03
CA MLY A 231 -15.50 -11.06 6.58
CB MLY A 231 -16.17 -11.06 5.20
CG MLY A 231 -17.65 -10.68 5.28
CD MLY A 231 -18.27 -10.42 3.93
CE MLY A 231 -19.70 -9.92 4.09
NZ MLY A 231 -20.66 -10.99 4.45
CH1 MLY A 231 -21.30 -11.80 3.37
CH2 MLY A 231 -21.00 -11.27 5.88
C MLY A 231 -14.20 -11.85 6.55
O MLY A 231 -13.12 -11.27 6.56
N ASP A 232 -14.30 -13.17 6.61
CA ASP A 232 -13.10 -13.99 6.58
C ASP A 232 -12.77 -14.37 5.13
N GLU A 233 -11.72 -15.17 4.95
CA GLU A 233 -11.28 -15.58 3.62
C GLU A 233 -12.33 -16.38 2.84
N ASN A 234 -13.35 -16.87 3.55
CA ASN A 234 -14.43 -17.64 2.92
C ASN A 234 -15.73 -16.82 2.80
N ASN A 235 -15.61 -15.51 2.94
CA ASN A 235 -16.72 -14.55 2.87
C ASN A 235 -17.77 -14.69 3.99
N LYS A 236 -17.37 -15.30 5.10
CA LYS A 236 -18.26 -15.46 6.25
C LYS A 236 -17.98 -14.36 7.26
N PRO A 237 -18.95 -14.05 8.15
CA PRO A 237 -18.62 -12.98 9.10
C PRO A 237 -17.43 -13.27 10.00
N TRP A 238 -16.59 -12.25 10.16
CA TRP A 238 -15.41 -12.29 11.01
C TRP A 238 -15.70 -11.21 12.05
N THR A 239 -16.16 -11.63 13.22
CA THR A 239 -16.59 -10.71 14.27
C THR A 239 -15.69 -10.56 15.51
N THR A 240 -14.85 -11.55 15.77
CA THR A 240 -13.91 -11.47 16.89
C THR A 240 -12.61 -12.13 16.48
N ALA A 241 -11.55 -11.80 17.20
CA ALA A 241 -10.24 -12.39 16.94
C ALA A 241 -9.44 -12.24 18.23
N THR A 242 -8.53 -13.17 18.48
CA THR A 242 -7.73 -13.07 19.70
C THR A 242 -6.61 -12.07 19.48
N MET A 243 -6.17 -11.45 20.56
CA MET A 243 -5.09 -10.48 20.49
C MET A 243 -3.83 -11.13 19.91
N ASN A 244 -3.57 -12.39 20.27
CA ASN A 244 -2.41 -13.10 19.74
C ASN A 244 -2.51 -13.28 18.24
N ASP A 245 -3.69 -13.64 17.75
CA ASP A 245 -3.88 -13.83 16.30
C ASP A 245 -3.70 -12.49 15.58
N LEU A 246 -4.22 -11.43 16.19
CA LEU A 246 -4.09 -10.11 15.59
C LEU A 246 -2.62 -9.67 15.50
N LYS A 247 -1.88 -9.88 16.59
CA LYS A 247 -0.47 -9.51 16.62
C LYS A 247 0.41 -10.39 15.75
N ASN A 248 0.12 -11.69 15.75
CA ASN A 248 0.94 -12.66 15.02
C ASN A 248 0.61 -12.90 13.56
N ASP A 249 -0.67 -12.93 13.23
CA ASP A 249 -1.09 -13.23 11.87
C ASP A 249 -1.72 -12.12 11.06
N ILE A 250 -2.31 -11.14 11.74
CA ILE A 250 -3.03 -10.09 11.05
C ILE A 250 -2.37 -8.73 10.87
N MET A 251 -2.16 -8.02 11.98
CA MET A 251 -1.59 -6.68 11.97
C MET A 251 -0.07 -6.61 11.98
N ALA A 252 0.47 -5.76 11.12
CA ALA A 252 1.91 -5.55 11.07
C ALA A 252 2.21 -4.09 11.50
N LEU A 253 1.26 -3.20 11.24
CA LEU A 253 1.40 -1.77 11.60
C LEU A 253 0.02 -1.17 11.81
N LEU A 254 -0.24 -0.67 13.00
CA LEU A 254 -1.54 -0.07 13.32
C LEU A 254 -1.53 1.40 12.93
N THR A 255 -2.70 2.03 12.97
CA THR A 255 -2.80 3.47 12.70
C THR A 255 -2.27 4.14 13.96
N HIS A 256 -2.07 5.46 13.90
CA HIS A 256 -1.61 6.21 15.07
C HIS A 256 -2.75 6.23 16.10
N VAL A 257 -2.50 5.62 17.26
CA VAL A 257 -3.51 5.53 18.32
C VAL A 257 -2.93 5.71 19.73
N THR A 258 -3.79 6.14 20.66
CA THR A 258 -3.39 6.26 22.07
C THR A 258 -3.75 4.88 22.60
N CYS A 259 -2.77 4.20 23.20
CA CYS A 259 -3.00 2.84 23.67
C CYS A 259 -2.59 2.61 25.12
N LYS A 260 -3.52 2.09 25.91
CA LYS A 260 -3.27 1.82 27.34
C LYS A 260 -2.10 0.87 27.57
N VAL A 261 -2.21 -0.36 27.06
CA VAL A 261 -1.13 -1.33 27.24
C VAL A 261 -0.13 -1.28 26.08
N LYS A 262 1.14 -1.13 26.48
CA LYS A 262 2.27 -1.05 25.56
C LYS A 262 2.46 -2.36 24.79
#